data_7SE7
#
_entry.id   7SE7
#
_cell.length_a   69.276
_cell.length_b   138.924
_cell.length_c   65.665
_cell.angle_alpha   90.000
_cell.angle_beta   90.000
_cell.angle_gamma   90.000
#
_symmetry.space_group_name_H-M   'C 2 2 21'
#
loop_
_entity.id
_entity.type
_entity.pdbx_description
1 polymer "rRNA 2'-O-methyltransferase fibrillarin"
2 non-polymer S-ADENOSYLMETHIONINE
3 water water
#
_entity_poly.entity_id   1
_entity_poly.type   'polypeptide(L)'
_entity_poly.pdbx_seq_one_letter_code
;SNAGKNVMVEPHRHEGVFICRGKEDALVTKNLVPGESVYGEKRVSISEGDDKIEYRAWNPFRSKLAAAILGGVDQIHIKP
GAKVLYLGAASGTTVSHVSDIVGPDGLVYAVEFSHRSGRDLINLAKKRTNIIPVIEDARHPHKYRMLIAMVDVIFADVAQ
PDQTRIVALNAHTFLRNGGHFVISIKANCIDSTASAEAVFASEVKKMQQENMKPQEQLTLEPYERDHAVVVGVYRPPPKV
KN
;
_entity_poly.pdbx_strand_id   A
#
# COMPACT_ATOMS: atom_id res chain seq x y z
N ASN A 6 -11.02 -30.52 4.55
CA ASN A 6 -9.84 -29.75 4.98
C ASN A 6 -9.79 -28.40 4.27
N VAL A 7 -9.64 -27.31 5.02
CA VAL A 7 -9.48 -25.98 4.45
C VAL A 7 -8.01 -25.64 4.40
N MET A 8 -7.51 -25.35 3.20
CA MET A 8 -6.10 -25.06 3.03
C MET A 8 -5.77 -23.58 3.21
N VAL A 9 -6.53 -22.73 2.56
CA VAL A 9 -6.33 -21.28 2.59
C VAL A 9 -7.46 -20.69 3.41
N GLU A 10 -7.10 -20.02 4.52
CA GLU A 10 -8.11 -19.40 5.37
C GLU A 10 -8.08 -17.88 5.19
N PRO A 11 -9.22 -17.23 5.42
CA PRO A 11 -9.20 -15.79 5.60
C PRO A 11 -8.26 -15.38 6.72
N HIS A 12 -7.47 -14.35 6.45
CA HIS A 12 -6.73 -13.66 7.48
C HIS A 12 -7.65 -12.77 8.31
N ARG A 13 -7.10 -12.25 9.39
CA ARG A 13 -7.83 -11.27 10.18
C ARG A 13 -8.22 -10.07 9.33
N HIS A 14 -7.34 -9.66 8.40
CA HIS A 14 -7.62 -8.52 7.53
C HIS A 14 -8.44 -8.97 6.33
N GLU A 15 -9.60 -8.35 6.14
CA GLU A 15 -10.50 -8.71 5.06
C GLU A 15 -9.79 -8.55 3.71
N GLY A 16 -9.89 -9.56 2.86
CA GLY A 16 -9.21 -9.57 1.58
C GLY A 16 -7.82 -10.18 1.59
N VAL A 17 -7.32 -10.54 2.77
CA VAL A 17 -6.04 -11.20 2.91
C VAL A 17 -6.30 -12.63 3.37
N PHE A 18 -5.45 -13.53 2.94
CA PHE A 18 -5.60 -14.95 3.24
C PHE A 18 -4.25 -15.49 3.66
N ILE A 19 -4.27 -16.67 4.27
CA ILE A 19 -3.07 -17.24 4.86
C ILE A 19 -3.13 -18.72 4.59
N CYS A 20 -2.03 -19.27 4.07
CA CYS A 20 -2.08 -20.57 3.40
C CYS A 20 -1.22 -21.59 4.08
N ASP A 25 4.20 -20.21 7.06
CA ASP A 25 3.02 -19.35 6.95
C ASP A 25 3.13 -18.35 5.81
N ALA A 26 2.47 -18.69 4.70
CA ALA A 26 2.49 -17.89 3.48
C ALA A 26 1.27 -16.99 3.44
N LEU A 27 1.50 -15.69 3.32
CA LEU A 27 0.40 -14.75 3.07
C LEU A 27 0.05 -14.77 1.59
N VAL A 28 -1.26 -14.70 1.28
CA VAL A 28 -1.72 -14.70 -0.10
C VAL A 28 -2.91 -13.76 -0.25
N THR A 29 -3.14 -13.31 -1.48
CA THR A 29 -4.35 -12.58 -1.80
C THR A 29 -5.09 -13.29 -2.93
N LYS A 30 -6.39 -13.01 -3.04
CA LYS A 30 -7.20 -13.61 -4.09
C LYS A 30 -6.85 -12.94 -5.42
N ASN A 31 -6.45 -13.75 -6.38
CA ASN A 31 -5.96 -13.21 -7.64
C ASN A 31 -7.10 -12.60 -8.44
N LEU A 32 -7.05 -11.28 -8.64
CA LEU A 32 -8.03 -10.60 -9.46
C LEU A 32 -7.98 -11.04 -10.91
N VAL A 33 -6.84 -11.56 -11.35
CA VAL A 33 -6.62 -11.95 -12.75
C VAL A 33 -6.14 -13.40 -12.77
N PRO A 34 -7.03 -14.36 -12.54
CA PRO A 34 -6.59 -15.77 -12.48
C PRO A 34 -5.75 -16.17 -13.69
N GLY A 35 -4.69 -16.92 -13.44
CA GLY A 35 -3.81 -17.39 -14.48
C GLY A 35 -2.56 -16.57 -14.70
N GLU A 36 -2.51 -15.36 -14.13
CA GLU A 36 -1.43 -14.42 -14.39
C GLU A 36 -0.66 -14.17 -13.10
N SER A 37 0.65 -14.22 -13.18
CA SER A 37 1.55 -13.76 -12.14
C SER A 37 2.11 -12.40 -12.54
N VAL A 38 2.55 -11.64 -11.54
CA VAL A 38 3.00 -10.27 -11.74
C VAL A 38 4.51 -10.17 -11.63
N TYR A 39 5.11 -10.76 -10.59
CA TYR A 39 6.55 -10.66 -10.36
C TYR A 39 7.16 -12.04 -10.11
N GLY A 40 6.59 -13.07 -10.71
CA GLY A 40 7.11 -14.43 -10.57
C GLY A 40 6.61 -15.15 -9.34
N GLU A 41 5.60 -14.61 -8.67
CA GLU A 41 5.12 -15.20 -7.43
C GLU A 41 4.40 -16.51 -7.72
N LYS A 42 4.39 -17.37 -6.72
CA LYS A 42 3.65 -18.63 -6.77
C LYS A 42 2.15 -18.33 -6.73
N ARG A 43 1.40 -19.09 -7.53
CA ARG A 43 -0.06 -19.06 -7.53
C ARG A 43 -0.61 -20.40 -7.08
N VAL A 44 -1.69 -20.37 -6.31
CA VAL A 44 -2.31 -21.56 -5.73
C VAL A 44 -3.78 -21.53 -6.12
N SER A 45 -4.19 -22.47 -6.97
CA SER A 45 -5.58 -22.51 -7.41
C SER A 45 -6.26 -23.72 -6.78
N ILE A 46 -7.40 -23.48 -6.15
CA ILE A 46 -8.15 -24.50 -5.44
C ILE A 46 -9.48 -24.69 -6.15
N SER A 47 -9.72 -25.91 -6.62
CA SER A 47 -10.94 -26.28 -7.33
C SER A 47 -11.71 -27.30 -6.50
N GLU A 48 -13.02 -27.09 -6.39
CA GLU A 48 -13.87 -28.09 -5.70
C GLU A 48 -15.23 -28.09 -6.37
N GLY A 49 -15.53 -29.20 -7.04
CA GLY A 49 -16.75 -29.28 -7.84
C GLY A 49 -16.68 -28.29 -8.99
N ASP A 50 -17.63 -27.36 -8.99
CA ASP A 50 -17.69 -26.29 -9.96
C ASP A 50 -17.02 -25.01 -9.47
N ASP A 51 -16.67 -24.93 -8.19
CA ASP A 51 -16.04 -23.76 -7.63
C ASP A 51 -14.54 -23.75 -7.90
N LYS A 52 -13.99 -22.55 -8.02
CA LYS A 52 -12.56 -22.40 -8.28
C LYS A 52 -12.13 -21.02 -7.78
N ILE A 53 -11.00 -20.99 -7.09
CA ILE A 53 -10.42 -19.73 -6.59
C ILE A 53 -8.91 -19.86 -6.67
N GLU A 54 -8.26 -18.78 -7.10
CA GLU A 54 -6.81 -18.75 -7.19
C GLU A 54 -6.27 -17.64 -6.31
N TYR A 55 -5.19 -17.95 -5.59
CA TYR A 55 -4.50 -17.01 -4.72
C TYR A 55 -3.07 -16.79 -5.21
N ARG A 56 -2.49 -15.68 -4.78
CA ARG A 56 -1.14 -15.29 -5.18
C ARG A 56 -0.29 -15.10 -3.93
N ALA A 57 0.87 -15.74 -3.88
CA ALA A 57 1.79 -15.57 -2.75
C ALA A 57 2.27 -14.12 -2.68
N TRP A 58 2.38 -13.61 -1.47
CA TRP A 58 2.71 -12.20 -1.20
C TRP A 58 4.00 -12.19 -0.41
N ASN A 59 5.08 -11.74 -1.06
CA ASN A 59 6.43 -11.93 -0.52
C ASN A 59 6.79 -10.81 0.43
N PRO A 60 6.94 -11.09 1.74
CA PRO A 60 7.27 -10.01 2.69
C PRO A 60 8.69 -9.50 2.59
N PHE A 61 9.57 -10.17 1.85
CA PHE A 61 10.91 -9.62 1.60
C PHE A 61 10.93 -8.66 0.42
N ARG A 62 9.84 -8.58 -0.35
CA ARG A 62 9.67 -7.61 -1.42
C ARG A 62 8.65 -6.53 -1.09
N SER A 63 7.67 -6.84 -0.27
CA SER A 63 6.55 -5.94 -0.04
C SER A 63 6.49 -5.54 1.44
N LYS A 64 6.68 -4.25 1.69
CA LYS A 64 6.65 -3.79 3.09
C LYS A 64 5.30 -4.04 3.74
N LEU A 65 4.23 -3.99 2.95
CA LEU A 65 2.91 -4.19 3.54
C LEU A 65 2.73 -5.62 4.00
N ALA A 66 3.21 -6.58 3.20
CA ALA A 66 3.20 -7.97 3.64
C ALA A 66 4.03 -8.17 4.91
N ALA A 67 5.18 -7.52 4.98
CA ALA A 67 6.02 -7.66 6.17
C ALA A 67 5.32 -7.12 7.39
N ALA A 68 4.61 -6.01 7.23
CA ALA A 68 3.84 -5.45 8.33
C ALA A 68 2.74 -6.39 8.77
N ILE A 69 2.01 -6.97 7.81
CA ILE A 69 0.90 -7.84 8.17
C ILE A 69 1.42 -9.06 8.92
N LEU A 70 2.51 -9.64 8.43
CA LEU A 70 3.08 -10.80 9.11
C LEU A 70 3.69 -10.40 10.45
N GLY A 71 4.12 -9.15 10.58
CA GLY A 71 4.61 -8.62 11.83
C GLY A 71 3.54 -8.28 12.84
N GLY A 72 2.27 -8.41 12.46
CA GLY A 72 1.17 -8.20 13.38
C GLY A 72 0.64 -6.79 13.50
N VAL A 73 0.42 -6.13 12.37
CA VAL A 73 -0.21 -4.82 12.36
C VAL A 73 -1.70 -4.98 12.66
N ASP A 74 -2.27 -4.02 13.39
CA ASP A 74 -3.64 -4.15 13.87
C ASP A 74 -4.65 -3.86 12.77
N GLN A 75 -4.40 -2.82 11.99
CA GLN A 75 -5.30 -2.43 10.90
C GLN A 75 -4.43 -2.06 9.71
N ILE A 76 -4.95 -2.33 8.51
CA ILE A 76 -4.34 -1.87 7.27
C ILE A 76 -5.25 -0.97 6.46
N HIS A 77 -6.58 -1.02 6.68
CA HIS A 77 -7.58 -0.11 6.14
C HIS A 77 -7.83 -0.34 4.65
N ILE A 78 -6.80 -0.80 3.94
CA ILE A 78 -6.98 -1.36 2.61
C ILE A 78 -7.85 -2.60 2.72
N LYS A 79 -9.02 -2.57 2.11
CA LYS A 79 -10.02 -3.62 2.25
C LYS A 79 -10.89 -3.63 1.01
N PRO A 80 -11.67 -4.70 0.81
CA PRO A 80 -12.56 -4.73 -0.35
C PRO A 80 -13.41 -3.48 -0.46
N GLY A 81 -13.42 -2.91 -1.66
CA GLY A 81 -14.17 -1.70 -1.95
C GLY A 81 -13.45 -0.39 -1.69
N ALA A 82 -12.29 -0.43 -1.03
CA ALA A 82 -11.58 0.80 -0.70
C ALA A 82 -11.04 1.47 -1.94
N LYS A 83 -11.00 2.80 -1.90
CA LYS A 83 -10.30 3.64 -2.86
C LYS A 83 -8.97 4.06 -2.26
N VAL A 84 -7.87 3.70 -2.92
CA VAL A 84 -6.52 3.82 -2.37
C VAL A 84 -5.68 4.69 -3.29
N LEU A 85 -5.01 5.67 -2.69
CA LEU A 85 -3.99 6.47 -3.38
C LEU A 85 -2.66 5.89 -2.94
N TYR A 86 -1.96 5.23 -3.86
CA TYR A 86 -0.70 4.56 -3.57
C TYR A 86 0.42 5.42 -4.14
N LEU A 87 1.24 6.00 -3.26
CA LEU A 87 2.34 6.87 -3.69
C LEU A 87 3.65 6.07 -3.71
N GLY A 88 4.27 6.00 -4.89
CA GLY A 88 5.50 5.24 -5.01
C GLY A 88 5.24 3.81 -5.49
N ALA A 89 4.45 3.68 -6.57
CA ALA A 89 3.96 2.37 -6.97
C ALA A 89 5.02 1.49 -7.62
N ALA A 90 6.13 2.05 -8.09
CA ALA A 90 7.21 1.28 -8.72
C ALA A 90 6.61 0.46 -9.88
N SER A 91 6.95 -0.82 -10.03
CA SER A 91 6.49 -1.67 -11.12
C SER A 91 5.19 -2.40 -10.81
N GLY A 92 4.68 -2.27 -9.58
CA GLY A 92 3.40 -2.82 -9.25
C GLY A 92 3.41 -4.05 -8.39
N THR A 93 4.55 -4.42 -7.81
CA THR A 93 4.59 -5.60 -6.93
C THR A 93 3.53 -5.51 -5.83
N THR A 94 3.66 -4.52 -4.96
CA THR A 94 2.69 -4.42 -3.88
C THR A 94 1.35 -3.91 -4.39
N VAL A 95 1.33 -2.98 -5.35
CA VAL A 95 0.07 -2.50 -5.89
C VAL A 95 -0.80 -3.67 -6.38
N SER A 96 -0.16 -4.69 -6.98
CA SER A 96 -0.97 -5.80 -7.46
C SER A 96 -1.73 -6.49 -6.32
N HIS A 97 -1.10 -6.63 -5.15
CA HIS A 97 -1.82 -7.22 -4.03
C HIS A 97 -2.85 -6.27 -3.44
N VAL A 98 -2.58 -4.96 -3.44
CA VAL A 98 -3.60 -3.98 -3.03
C VAL A 98 -4.79 -4.08 -3.96
N SER A 99 -4.54 -4.18 -5.26
CA SER A 99 -5.59 -4.37 -6.26
C SER A 99 -6.40 -5.64 -5.99
N ASP A 100 -5.74 -6.75 -5.65
CA ASP A 100 -6.45 -7.97 -5.27
C ASP A 100 -7.37 -7.73 -4.07
N ILE A 101 -6.85 -7.05 -3.03
CA ILE A 101 -7.62 -6.83 -1.82
C ILE A 101 -8.85 -5.98 -2.09
N VAL A 102 -8.68 -4.81 -2.75
CA VAL A 102 -9.82 -3.92 -2.86
C VAL A 102 -10.84 -4.48 -3.86
N GLY A 103 -10.40 -5.33 -4.77
CA GLY A 103 -11.33 -6.06 -5.63
C GLY A 103 -11.96 -5.20 -6.70
N PRO A 104 -12.89 -5.79 -7.47
CA PRO A 104 -13.47 -5.07 -8.62
C PRO A 104 -14.22 -3.79 -8.28
N ASP A 105 -14.75 -3.67 -7.08
CA ASP A 105 -15.49 -2.48 -6.68
C ASP A 105 -14.61 -1.44 -5.98
N GLY A 106 -13.32 -1.73 -5.76
CA GLY A 106 -12.38 -0.77 -5.24
C GLY A 106 -11.59 -0.07 -6.34
N LEU A 107 -10.59 0.72 -5.91
CA LEU A 107 -9.81 1.50 -6.87
C LEU A 107 -8.44 1.73 -6.28
N VAL A 108 -7.40 1.62 -7.12
CA VAL A 108 -6.02 1.92 -6.70
C VAL A 108 -5.41 2.90 -7.69
N TYR A 109 -5.13 4.11 -7.23
CA TYR A 109 -4.32 5.03 -8.03
C TYR A 109 -2.84 4.73 -7.77
N ALA A 110 -2.10 4.40 -8.83
CA ALA A 110 -0.70 3.99 -8.70
C ALA A 110 0.19 5.13 -9.19
N VAL A 111 0.66 5.94 -8.24
CA VAL A 111 1.42 7.14 -8.57
C VAL A 111 2.90 6.76 -8.55
N GLU A 112 3.57 7.01 -9.68
CA GLU A 112 4.96 6.64 -9.85
C GLU A 112 5.55 7.55 -10.92
N PHE A 113 6.70 8.20 -10.65
CA PHE A 113 7.23 9.18 -11.59
C PHE A 113 8.33 8.64 -12.50
N SER A 114 8.73 7.39 -12.31
CA SER A 114 9.66 6.74 -13.23
C SER A 114 8.90 6.28 -14.46
N HIS A 115 9.37 6.69 -15.66
CA HIS A 115 8.68 6.20 -16.86
C HIS A 115 8.96 4.74 -17.10
N ARG A 116 10.15 4.27 -16.74
CA ARG A 116 10.46 2.85 -16.87
C ARG A 116 9.50 2.01 -16.05
N SER A 117 9.39 2.31 -14.75
CA SER A 117 8.42 1.61 -13.91
C SER A 117 7.00 1.86 -14.37
N GLY A 118 6.72 3.08 -14.86
CA GLY A 118 5.39 3.39 -15.35
C GLY A 118 4.91 2.46 -16.44
N ARG A 119 5.83 2.03 -17.32
CA ARG A 119 5.43 1.11 -18.37
C ARG A 119 4.98 -0.23 -17.81
N ASP A 120 5.66 -0.71 -16.75
CA ASP A 120 5.21 -1.92 -16.05
C ASP A 120 3.84 -1.73 -15.42
N LEU A 121 3.60 -0.56 -14.80
CA LEU A 121 2.28 -0.28 -14.21
C LEU A 121 1.20 -0.25 -15.27
N ILE A 122 1.47 0.36 -16.42
CA ILE A 122 0.49 0.40 -17.49
C ILE A 122 0.16 -1.00 -17.99
N ASN A 123 1.19 -1.86 -18.17
CA ASN A 123 0.90 -3.22 -18.58
C ASN A 123 0.09 -3.97 -17.52
N LEU A 124 0.42 -3.78 -16.25
CA LEU A 124 -0.33 -4.41 -15.16
C LEU A 124 -1.79 -3.98 -15.19
N ALA A 125 -2.04 -2.69 -15.38
CA ALA A 125 -3.39 -2.16 -15.33
C ALA A 125 -4.22 -2.53 -16.57
N LYS A 126 -3.59 -3.08 -17.62
CA LYS A 126 -4.39 -3.56 -18.75
C LYS A 126 -5.32 -4.70 -18.33
N LYS A 127 -4.84 -5.56 -17.43
CA LYS A 127 -5.58 -6.71 -16.96
C LYS A 127 -6.39 -6.39 -15.71
N ARG A 128 -6.02 -5.34 -14.97
CA ARG A 128 -6.69 -5.02 -13.73
C ARG A 128 -7.48 -3.73 -13.88
N THR A 129 -8.80 -3.86 -13.96
CA THR A 129 -9.63 -2.70 -14.22
C THR A 129 -9.56 -1.70 -13.07
N ASN A 130 -9.18 -2.14 -11.89
CA ASN A 130 -9.26 -1.24 -10.73
C ASN A 130 -7.95 -0.48 -10.47
N ILE A 131 -6.96 -0.54 -11.36
CA ILE A 131 -5.73 0.23 -11.22
C ILE A 131 -5.72 1.37 -12.22
N ILE A 132 -5.46 2.57 -11.71
CA ILE A 132 -5.21 3.74 -12.56
C ILE A 132 -3.72 4.10 -12.43
N PRO A 133 -2.90 3.88 -13.46
CA PRO A 133 -1.52 4.39 -13.41
C PRO A 133 -1.51 5.90 -13.53
N VAL A 134 -0.79 6.55 -12.64
CA VAL A 134 -0.69 8.01 -12.59
C VAL A 134 0.81 8.29 -12.64
N ILE A 135 1.33 8.52 -13.84
CA ILE A 135 2.79 8.59 -13.99
C ILE A 135 3.18 10.05 -13.83
N GLU A 136 3.36 10.45 -12.58
CA GLU A 136 3.54 11.83 -12.19
C GLU A 136 4.33 11.92 -10.90
N ASP A 137 4.84 13.13 -10.64
CA ASP A 137 5.60 13.46 -9.43
C ASP A 137 4.63 13.76 -8.30
N ALA A 138 4.65 12.92 -7.26
CA ALA A 138 3.77 13.06 -6.10
C ALA A 138 4.00 14.36 -5.31
N ARG A 139 5.10 15.07 -5.56
CA ARG A 139 5.29 16.38 -4.95
C ARG A 139 4.36 17.46 -5.50
N HIS A 140 3.75 17.23 -6.67
CA HIS A 140 2.98 18.25 -7.38
C HIS A 140 1.60 17.72 -7.73
N PRO A 141 0.77 17.45 -6.72
CA PRO A 141 -0.55 16.88 -7.00
C PRO A 141 -1.46 17.81 -7.79
N HIS A 142 -1.14 19.08 -7.90
CA HIS A 142 -1.94 19.95 -8.75
C HIS A 142 -1.93 19.45 -10.19
N LYS A 143 -0.83 18.82 -10.64
CA LYS A 143 -0.73 18.33 -12.00
C LYS A 143 -1.65 17.14 -12.27
N TYR A 144 -2.09 16.42 -11.24
CA TYR A 144 -2.96 15.27 -11.45
C TYR A 144 -4.25 15.30 -10.62
N ARG A 145 -4.55 16.40 -9.95
CA ARG A 145 -5.69 16.37 -9.05
C ARG A 145 -7.00 16.13 -9.77
N MET A 146 -7.08 16.46 -11.06
CA MET A 146 -8.33 16.20 -11.78
C MET A 146 -8.55 14.74 -12.10
N LEU A 147 -7.55 13.87 -11.85
CA LEU A 147 -7.71 12.43 -12.05
C LEU A 147 -8.08 11.64 -10.80
N ILE A 148 -7.98 12.23 -9.61
CA ILE A 148 -8.02 11.48 -8.37
C ILE A 148 -9.29 11.85 -7.65
N ALA A 149 -10.24 10.93 -7.65
CA ALA A 149 -11.42 11.07 -6.81
C ALA A 149 -11.01 10.93 -5.35
N MET A 150 -11.80 11.53 -4.44
CA MET A 150 -11.46 11.42 -3.02
C MET A 150 -11.24 9.96 -2.64
N VAL A 151 -10.21 9.70 -1.84
CA VAL A 151 -9.86 8.33 -1.48
C VAL A 151 -10.10 8.06 0.02
N ASP A 152 -10.12 6.78 0.34
CA ASP A 152 -10.27 6.26 1.70
C ASP A 152 -8.96 6.06 2.42
N VAL A 153 -7.87 5.78 1.69
CA VAL A 153 -6.59 5.41 2.28
C VAL A 153 -5.50 5.97 1.39
N ILE A 154 -4.43 6.53 1.99
CA ILE A 154 -3.18 6.79 1.30
C ILE A 154 -2.18 5.77 1.81
N PHE A 155 -1.57 5.03 0.88
CA PHE A 155 -0.40 4.20 1.12
C PHE A 155 0.79 4.88 0.48
N ALA A 156 1.87 5.08 1.25
CA ALA A 156 3.03 5.80 0.75
C ALA A 156 4.30 5.02 1.02
N ASP A 157 5.11 4.91 -0.03
CA ASP A 157 6.40 4.23 0.02
C ASP A 157 7.31 4.88 -1.03
N VAL A 158 7.51 6.20 -0.95
CA VAL A 158 8.35 6.88 -1.94
C VAL A 158 9.81 6.98 -1.52
N ALA A 159 10.14 6.69 -0.27
CA ALA A 159 11.55 6.58 0.16
C ALA A 159 12.29 7.91 -0.08
N GLN A 160 11.66 9.01 0.33
CA GLN A 160 12.23 10.33 0.14
C GLN A 160 12.35 11.07 1.45
N PRO A 161 13.35 11.94 1.58
CA PRO A 161 13.45 12.74 2.80
C PRO A 161 12.23 13.58 3.08
N ASP A 162 11.54 14.07 2.05
CA ASP A 162 10.34 14.87 2.25
C ASP A 162 9.06 14.06 2.11
N GLN A 163 9.13 12.74 2.35
CA GLN A 163 7.94 11.91 2.20
C GLN A 163 6.77 12.42 3.04
N THR A 164 7.00 12.87 4.28
CA THR A 164 5.83 13.25 5.08
C THR A 164 5.14 14.46 4.47
N ARG A 165 5.91 15.45 4.02
CA ARG A 165 5.31 16.60 3.36
C ARG A 165 4.57 16.20 2.09
N ILE A 166 5.16 15.30 1.30
CA ILE A 166 4.48 14.76 0.11
C ILE A 166 3.16 14.13 0.51
N VAL A 167 3.20 13.23 1.51
CA VAL A 167 1.97 12.54 1.92
C VAL A 167 0.94 13.54 2.44
N ALA A 168 1.35 14.51 3.25
CA ALA A 168 0.42 15.49 3.78
C ALA A 168 -0.26 16.28 2.67
N LEU A 169 0.51 16.73 1.68
CA LEU A 169 -0.04 17.50 0.56
C LEU A 169 -1.09 16.68 -0.19
N ASN A 170 -0.77 15.42 -0.45
CA ASN A 170 -1.76 14.55 -1.10
C ASN A 170 -2.94 14.29 -0.19
N ALA A 171 -2.72 14.19 1.13
CA ALA A 171 -3.84 13.94 2.03
C ALA A 171 -4.79 15.13 2.05
N HIS A 172 -4.22 16.33 2.13
CA HIS A 172 -5.06 17.53 2.21
C HIS A 172 -5.86 17.72 0.94
N THR A 173 -5.37 17.17 -0.17
CA THR A 173 -6.06 17.28 -1.45
C THR A 173 -7.09 16.18 -1.67
N PHE A 174 -6.75 14.95 -1.29
CA PHE A 174 -7.47 13.77 -1.74
C PHE A 174 -8.07 12.87 -0.66
N LEU A 175 -7.63 12.94 0.60
CA LEU A 175 -8.00 11.95 1.60
C LEU A 175 -9.25 12.40 2.34
N ARG A 176 -10.25 11.53 2.44
CA ARG A 176 -11.48 11.91 3.13
C ARG A 176 -11.23 12.13 4.61
N ASN A 177 -12.02 13.01 5.23
CA ASN A 177 -11.98 13.09 6.70
C ASN A 177 -12.30 11.74 7.32
N GLY A 178 -11.46 11.31 8.27
CA GLY A 178 -11.60 10.01 8.83
C GLY A 178 -11.05 8.89 7.98
N GLY A 179 -10.46 9.20 6.83
CA GLY A 179 -9.73 8.21 6.06
C GLY A 179 -8.43 7.91 6.75
N HIS A 180 -7.66 6.98 6.18
CA HIS A 180 -6.49 6.46 6.87
C HIS A 180 -5.26 6.55 5.98
N PHE A 181 -4.11 6.40 6.63
CA PHE A 181 -2.83 6.38 5.93
C PHE A 181 -1.97 5.24 6.48
N VAL A 182 -1.12 4.74 5.59
CA VAL A 182 -0.16 3.70 5.90
C VAL A 182 1.13 4.18 5.24
N ILE A 183 2.15 4.47 6.03
CA ILE A 183 3.37 5.06 5.50
C ILE A 183 4.56 4.16 5.81
N SER A 184 5.28 3.79 4.76
CA SER A 184 6.50 2.98 4.89
C SER A 184 7.71 3.91 4.97
N ILE A 185 8.57 3.69 5.96
CA ILE A 185 9.69 4.59 6.25
C ILE A 185 10.97 3.80 6.41
N LYS A 186 11.85 3.87 5.40
CA LYS A 186 13.21 3.33 5.53
C LYS A 186 14.07 4.44 6.13
N ALA A 187 14.58 4.25 7.35
CA ALA A 187 15.22 5.35 8.06
C ALA A 187 16.32 5.97 7.21
N ASN A 188 17.15 5.16 6.57
CA ASN A 188 18.29 5.79 5.89
C ASN A 188 17.90 6.41 4.55
N CYS A 189 16.66 6.22 4.07
CA CYS A 189 16.18 6.99 2.92
C CYS A 189 15.66 8.35 3.33
N ILE A 190 15.20 8.50 4.57
CA ILE A 190 14.69 9.78 5.02
C ILE A 190 15.82 10.66 5.57
N ASP A 191 16.74 10.09 6.36
CA ASP A 191 17.89 10.85 6.85
C ASP A 191 18.98 9.86 7.28
N SER A 192 19.99 9.67 6.43
CA SER A 192 20.94 8.59 6.68
C SER A 192 21.94 8.89 7.79
N THR A 193 22.01 10.14 8.25
CA THR A 193 22.90 10.47 9.36
C THR A 193 22.20 10.49 10.71
N ALA A 194 20.89 10.22 10.74
CA ALA A 194 20.13 10.12 11.99
C ALA A 194 19.89 8.66 12.36
N SER A 195 19.66 8.41 13.67
CA SER A 195 19.34 7.06 14.07
C SER A 195 17.91 6.72 13.60
N ALA A 196 17.64 5.42 13.48
CA ALA A 196 16.30 5.01 13.08
C ALA A 196 15.27 5.62 14.01
N GLU A 197 15.53 5.57 15.33
CA GLU A 197 14.56 6.13 16.29
C GLU A 197 14.34 7.62 16.05
N ALA A 198 15.43 8.36 15.84
CA ALA A 198 15.32 9.79 15.56
C ALA A 198 14.51 10.06 14.30
N VAL A 199 14.71 9.24 13.26
CA VAL A 199 13.93 9.43 12.02
C VAL A 199 12.46 9.18 12.28
N PHE A 200 12.14 8.00 12.86
CA PHE A 200 10.75 7.63 13.06
C PHE A 200 10.04 8.62 13.99
N ALA A 201 10.70 9.06 15.06
CA ALA A 201 10.10 10.06 15.94
C ALA A 201 9.87 11.37 15.21
N SER A 202 10.84 11.82 14.41
CA SER A 202 10.67 13.06 13.67
C SER A 202 9.52 12.95 12.69
N GLU A 203 9.39 11.82 12.01
CA GLU A 203 8.30 11.68 11.03
C GLU A 203 6.95 11.61 11.72
N VAL A 204 6.86 10.87 12.84
CA VAL A 204 5.60 10.81 13.58
C VAL A 204 5.20 12.20 14.04
N LYS A 205 6.17 12.97 14.55
CA LYS A 205 5.88 14.33 14.99
C LYS A 205 5.33 15.17 13.84
N LYS A 206 5.98 15.08 12.67
CA LYS A 206 5.53 15.87 11.54
C LYS A 206 4.13 15.46 11.09
N MET A 207 3.85 14.16 11.07
CA MET A 207 2.51 13.69 10.70
C MET A 207 1.44 14.31 11.61
N GLN A 208 1.65 14.22 12.94
CA GLN A 208 0.67 14.75 13.88
C GLN A 208 0.35 16.20 13.62
N GLN A 209 1.34 16.98 13.25
CA GLN A 209 1.15 18.40 12.96
C GLN A 209 0.31 18.63 11.73
N GLU A 210 0.19 17.63 10.85
CA GLU A 210 -0.67 17.71 9.68
C GLU A 210 -1.99 16.98 9.88
N ASN A 211 -2.38 16.74 11.13
CA ASN A 211 -3.61 16.05 11.48
C ASN A 211 -3.63 14.63 10.95
N MET A 212 -2.46 14.06 10.71
CA MET A 212 -2.30 12.63 10.46
C MET A 212 -1.88 12.02 11.78
N LYS A 213 -2.86 11.44 12.47
CA LYS A 213 -2.64 10.94 13.82
C LYS A 213 -2.28 9.46 13.78
N PRO A 214 -1.03 9.09 14.05
CA PRO A 214 -0.71 7.65 14.12
C PRO A 214 -1.53 6.92 15.16
N GLN A 215 -2.01 5.74 14.78
CA GLN A 215 -2.66 4.81 15.71
C GLN A 215 -1.82 3.59 16.00
N GLU A 216 -0.82 3.33 15.17
CA GLU A 216 0.06 2.20 15.37
C GLU A 216 1.35 2.47 14.62
N GLN A 217 2.47 2.04 15.18
CA GLN A 217 3.74 2.06 14.45
C GLN A 217 4.48 0.78 14.76
N LEU A 218 5.22 0.27 13.80
CA LEU A 218 5.94 -0.99 13.96
C LEU A 218 7.14 -1.02 13.03
N THR A 219 8.11 -1.86 13.36
CA THR A 219 9.26 -2.08 12.50
C THR A 219 9.09 -3.46 11.85
N LEU A 220 9.98 -3.78 10.91
CA LEU A 220 9.72 -4.91 10.03
C LEU A 220 10.73 -6.04 10.16
N GLU A 221 11.42 -6.18 11.30
CA GLU A 221 12.29 -7.33 11.46
C GLU A 221 11.46 -8.61 11.46
N PRO A 222 11.97 -9.71 10.86
CA PRO A 222 13.28 -9.96 10.24
C PRO A 222 13.36 -9.70 8.75
N TYR A 223 12.30 -9.13 8.19
CA TYR A 223 12.25 -8.92 6.75
C TYR A 223 13.08 -7.72 6.33
N GLU A 224 13.11 -6.66 7.16
CA GLU A 224 13.83 -5.44 6.83
C GLU A 224 14.41 -4.85 8.10
N ARG A 225 15.51 -4.14 7.93
CA ARG A 225 16.23 -3.52 9.05
C ARG A 225 15.96 -2.03 9.06
N ASP A 226 15.70 -1.50 10.25
CA ASP A 226 15.47 -0.07 10.46
C ASP A 226 14.45 0.47 9.44
N HIS A 227 13.30 -0.21 9.39
CA HIS A 227 12.23 0.13 8.45
C HIS A 227 10.90 0.05 9.19
N ALA A 228 10.18 1.15 9.21
CA ALA A 228 8.96 1.27 9.98
C ALA A 228 7.75 1.36 9.06
N VAL A 229 6.60 0.97 9.60
CA VAL A 229 5.30 1.26 9.00
C VAL A 229 4.48 1.97 10.05
N VAL A 230 3.88 3.11 9.67
CA VAL A 230 3.05 3.90 10.57
C VAL A 230 1.66 3.93 9.97
N VAL A 231 0.65 3.59 10.78
CA VAL A 231 -0.75 3.53 10.34
C VAL A 231 -1.54 4.51 11.20
N GLY A 232 -2.45 5.24 10.57
CA GLY A 232 -3.23 6.18 11.36
C GLY A 232 -4.41 6.75 10.61
N VAL A 233 -4.99 7.77 11.21
CA VAL A 233 -6.24 8.35 10.77
C VAL A 233 -6.06 9.83 10.54
N TYR A 234 -6.73 10.36 9.50
CA TYR A 234 -6.63 11.74 9.08
C TYR A 234 -7.86 12.48 9.56
N ARG A 235 -7.67 13.46 10.45
N ARG A 235 -7.67 13.46 10.44
CA ARG A 235 -8.76 14.18 11.10
CA ARG A 235 -8.78 14.19 11.07
C ARG A 235 -8.48 15.68 11.01
C ARG A 235 -8.50 15.67 11.01
N PRO A 236 -8.66 16.28 9.84
CA PRO A 236 -8.32 17.68 9.67
C PRO A 236 -9.40 18.59 10.21
N PRO A 237 -9.09 19.87 10.40
CA PRO A 237 -10.10 20.84 10.81
C PRO A 237 -10.94 21.29 9.64
N PRO A 238 -12.09 21.91 9.89
CA PRO A 238 -12.90 22.45 8.79
C PRO A 238 -12.27 23.67 8.12
#